data_5TN6
#
_entry.id   5TN6
#
_cell.length_a   56.020
_cell.length_b   82.850
_cell.length_c   58.970
_cell.angle_alpha   90.000
_cell.angle_beta   110.890
_cell.angle_gamma   90.000
#
_symmetry.space_group_name_H-M   'P 1 21 1'
#
loop_
_entity.id
_entity.type
_entity.pdbx_description
1 polymer 'Estrogen receptor'
2 polymer 'Nuclear receptor coactivator 2'
3 non-polymer "(1S,1'S,3a'S,7a'S)-7a'-methyl-1',2,2',3,3',3a',4',6',7',7a'-decahydro-1,5'-spirobi[indene]-1',5-diol"
4 water water
#
loop_
_entity_poly.entity_id
_entity_poly.type
_entity_poly.pdbx_seq_one_letter_code
_entity_poly.pdbx_strand_id
1 'polypeptide(L)'
;IKRSKKNSLALSLTADQMVSALLDAEPPILYSEYDPTRPFSEASMMGLLTNLADRELVHMINWAKRVPGFVDLTLHDQVH
LLECAWLEILMIGLVWRSMEHPGKLLFAPNLLLDRNQGKCVEGMVEIFDMLLATSSRFRMMNLQGEEFVCLKSIILLNSG
VYTFLSSTLKSLEEKDHIHRVLDKITDTLIHLMAKAGLTLQQQHQRLAQLLLILSHIRHMSNKGMEHLYSMKCKNVVPLS
DLLLEMLDAHRLHAPTS
;
A,B
2 'polypeptide(L)' KHKILHRLLQDSS C,D
#
# COMPACT_ATOMS: atom_id res chain seq x y z
N SER A 8 26.11 1.72 13.41
CA SER A 8 25.38 0.47 13.31
C SER A 8 26.24 -0.64 12.74
N LEU A 9 25.81 -1.88 12.94
CA LEU A 9 26.48 -3.04 12.37
C LEU A 9 25.73 -3.64 11.19
N ALA A 10 24.43 -3.35 11.05
CA ALA A 10 23.64 -3.88 9.95
C ALA A 10 24.18 -3.42 8.60
N LEU A 11 24.85 -2.27 8.56
CA LEU A 11 25.42 -1.76 7.31
C LEU A 11 26.65 -2.55 6.88
N SER A 12 27.17 -3.43 7.73
CA SER A 12 28.38 -4.18 7.42
C SER A 12 28.10 -5.60 6.97
N LEU A 13 26.84 -6.04 6.99
CA LEU A 13 26.50 -7.40 6.62
C LEU A 13 26.41 -7.55 5.11
N THR A 14 26.95 -8.65 4.60
CA THR A 14 26.77 -9.00 3.20
C THR A 14 25.34 -9.48 2.97
N ALA A 15 25.05 -9.80 1.71
CA ALA A 15 23.70 -10.25 1.36
C ALA A 15 23.39 -11.60 2.01
N ASP A 16 24.34 -12.53 1.99
CA ASP A 16 24.13 -13.82 2.61
C ASP A 16 24.04 -13.72 4.12
N GLN A 17 24.76 -12.76 4.72
CA GLN A 17 24.66 -12.56 6.16
C GLN A 17 23.34 -11.91 6.54
N MET A 18 22.77 -11.08 5.66
CA MET A 18 21.46 -10.51 5.91
C MET A 18 20.39 -11.60 5.91
N VAL A 19 20.48 -12.54 4.97
CA VAL A 19 19.48 -13.60 4.88
C VAL A 19 19.54 -14.51 6.10
N SER A 20 20.74 -14.94 6.48
CA SER A 20 20.87 -15.82 7.64
C SER A 20 20.41 -15.14 8.91
N ALA A 21 20.60 -13.83 9.02
CA ALA A 21 20.12 -13.10 10.20
C ALA A 21 18.60 -13.05 10.23
N LEU A 22 17.97 -12.87 9.07
CA LEU A 22 16.51 -12.81 9.03
C LEU A 22 15.89 -14.20 9.19
N LEU A 23 16.49 -15.22 8.58
CA LEU A 23 15.99 -16.58 8.74
C LEU A 23 16.09 -17.04 10.18
N ASP A 24 17.20 -16.71 10.85
CA ASP A 24 17.39 -17.15 12.23
C ASP A 24 16.44 -16.45 13.19
N ALA A 25 16.02 -15.24 12.85
CA ALA A 25 15.13 -14.47 13.71
C ALA A 25 13.66 -14.83 13.53
N GLU A 26 13.33 -15.79 12.67
CA GLU A 26 11.94 -16.07 12.34
C GLU A 26 11.17 -16.51 13.59
N PRO A 27 9.98 -15.97 13.81
CA PRO A 27 9.16 -16.38 14.95
C PRO A 27 8.67 -17.81 14.78
N PRO A 28 8.17 -18.44 15.84
CA PRO A 28 7.62 -19.80 15.71
C PRO A 28 6.19 -19.79 15.18
N ILE A 29 5.73 -20.98 14.82
CA ILE A 29 4.35 -21.18 14.38
C ILE A 29 3.53 -21.60 15.60
N LEU A 30 2.59 -20.75 16.00
CA LEU A 30 1.82 -21.00 17.20
C LEU A 30 0.56 -21.79 16.90
N TYR A 31 0.06 -22.49 17.91
CA TYR A 31 -1.21 -23.20 17.82
C TYR A 31 -2.32 -22.36 18.43
N SER A 32 -3.51 -22.52 17.88
CA SER A 32 -4.71 -21.88 18.42
C SER A 32 -5.32 -22.75 19.51
N GLU A 33 -6.12 -22.12 20.37
CA GLU A 33 -6.89 -22.84 21.38
C GLU A 33 -8.13 -23.51 20.79
N TYR A 34 -8.14 -23.70 19.47
CA TYR A 34 -9.33 -24.19 18.78
C TYR A 34 -9.67 -25.61 19.23
N ASP A 35 -10.93 -25.81 19.59
CA ASP A 35 -11.46 -27.11 19.95
C ASP A 35 -12.46 -27.53 18.90
N PRO A 36 -12.19 -28.59 18.12
CA PRO A 36 -13.13 -28.98 17.06
C PRO A 36 -14.49 -29.43 17.56
N THR A 37 -14.65 -29.64 18.87
CA THR A 37 -15.95 -30.01 19.41
C THR A 37 -16.88 -28.80 19.58
N ARG A 38 -16.32 -27.60 19.61
CA ARG A 38 -17.15 -26.40 19.75
C ARG A 38 -17.74 -26.01 18.41
N PRO A 39 -19.06 -25.88 18.30
CA PRO A 39 -19.64 -25.27 17.10
C PRO A 39 -19.25 -23.82 17.00
N PHE A 40 -18.96 -23.38 15.78
CA PHE A 40 -18.47 -22.02 15.56
C PHE A 40 -19.58 -21.00 15.78
N SER A 41 -19.27 -19.97 16.56
CA SER A 41 -20.08 -18.77 16.67
C SER A 41 -19.25 -17.58 16.21
N GLU A 42 -19.92 -16.46 15.99
CA GLU A 42 -19.22 -15.23 15.61
C GLU A 42 -18.27 -14.79 16.72
N ALA A 43 -18.70 -14.94 17.98
CA ALA A 43 -17.86 -14.56 19.11
C ALA A 43 -16.72 -15.54 19.34
N SER A 44 -16.94 -16.82 19.11
CA SER A 44 -15.87 -17.80 19.34
C SER A 44 -14.82 -17.73 18.24
N MET A 45 -15.25 -17.66 16.98
CA MET A 45 -14.31 -17.61 15.88
C MET A 45 -13.46 -16.35 15.93
N MET A 46 -14.08 -15.20 16.24
CA MET A 46 -13.30 -13.99 16.46
C MET A 46 -12.36 -14.15 17.65
N GLY A 47 -12.83 -14.80 18.72
CA GLY A 47 -11.98 -15.01 19.88
C GLY A 47 -10.76 -15.85 19.54
N LEU A 48 -10.95 -16.91 18.75
CA LEU A 48 -9.81 -17.73 18.33
C LEU A 48 -8.77 -16.90 17.57
N LEU A 49 -9.22 -16.13 16.59
CA LEU A 49 -8.29 -15.41 15.73
C LEU A 49 -7.62 -14.27 16.48
N THR A 50 -8.38 -13.56 17.32
CA THR A 50 -7.79 -12.45 18.07
C THR A 50 -6.88 -12.95 19.19
N ASN A 51 -7.22 -14.07 19.82
CA ASN A 51 -6.29 -14.69 20.78
C ASN A 51 -4.99 -15.09 20.10
N LEU A 52 -5.08 -15.73 18.94
CA LEU A 52 -3.87 -16.13 18.23
C LEU A 52 -3.04 -14.92 17.84
N ALA A 53 -3.69 -13.85 17.36
CA ALA A 53 -2.96 -12.65 16.96
C ALA A 53 -2.26 -12.02 18.14
N ASP A 54 -2.89 -12.03 19.32
CA ASP A 54 -2.27 -11.44 20.50
C ASP A 54 -0.99 -12.18 20.88
N ARG A 55 -1.04 -13.52 20.89
CA ARG A 55 0.17 -14.28 21.19
C ARG A 55 1.24 -14.09 20.12
N GLU A 56 0.85 -13.95 18.86
CA GLU A 56 1.84 -13.72 17.81
C GLU A 56 2.49 -12.35 17.95
N LEU A 57 1.74 -11.35 18.46
CA LEU A 57 2.29 -10.02 18.62
C LEU A 57 3.50 -10.01 19.56
N VAL A 58 3.44 -10.83 20.61
CA VAL A 58 4.56 -10.90 21.55
C VAL A 58 5.81 -11.42 20.85
N HIS A 59 5.65 -12.45 20.01
CA HIS A 59 6.80 -12.97 19.28
C HIS A 59 7.26 -12.00 18.21
N MET A 60 6.34 -11.25 17.61
CA MET A 60 6.72 -10.27 16.59
C MET A 60 7.60 -9.19 17.18
N ILE A 61 7.29 -8.74 18.40
CA ILE A 61 8.07 -7.70 19.05
C ILE A 61 9.51 -8.14 19.24
N ASN A 62 9.69 -9.38 19.74
CA ASN A 62 11.04 -9.90 19.90
C ASN A 62 11.68 -10.26 18.56
N TRP A 63 10.88 -10.51 17.52
CA TRP A 63 11.42 -10.67 16.18
C TRP A 63 11.88 -9.32 15.62
N ALA A 64 11.14 -8.26 15.93
CA ALA A 64 11.52 -6.93 15.44
C ALA A 64 12.89 -6.52 15.96
N LYS A 65 13.21 -6.88 17.21
CA LYS A 65 14.51 -6.52 17.77
C LYS A 65 15.66 -7.17 17.01
N ARG A 66 15.44 -8.35 16.43
CA ARG A 66 16.49 -9.06 15.73
C ARG A 66 16.60 -8.67 14.27
N VAL A 67 15.72 -7.82 13.78
CA VAL A 67 15.84 -7.34 12.40
C VAL A 67 17.00 -6.35 12.32
N PRO A 68 17.96 -6.55 11.42
CA PRO A 68 19.15 -5.69 11.38
C PRO A 68 18.77 -4.22 11.19
N GLY A 69 19.34 -3.36 12.04
CA GLY A 69 19.10 -1.94 12.00
C GLY A 69 18.00 -1.45 12.91
N PHE A 70 17.14 -2.35 13.39
CA PHE A 70 15.98 -1.91 14.17
C PHE A 70 16.37 -1.47 15.57
N VAL A 71 17.41 -2.08 16.16
CA VAL A 71 17.82 -1.70 17.51
C VAL A 71 18.59 -0.38 17.53
N ASP A 72 19.14 0.04 16.39
CA ASP A 72 19.83 1.32 16.34
C ASP A 72 18.87 2.50 16.42
N LEU A 73 17.58 2.26 16.20
CA LEU A 73 16.59 3.31 16.28
C LEU A 73 16.24 3.61 17.74
N THR A 74 15.73 4.81 17.97
CA THR A 74 15.27 5.16 19.31
C THR A 74 14.06 4.31 19.69
N LEU A 75 13.84 4.19 21.00
CA LEU A 75 12.70 3.42 21.49
C LEU A 75 11.39 4.01 20.98
N HIS A 76 11.32 5.34 20.83
CA HIS A 76 10.11 5.96 20.30
C HIS A 76 9.86 5.56 18.84
N ASP A 77 10.92 5.52 18.04
CA ASP A 77 10.76 5.15 16.63
C ASP A 77 10.44 3.67 16.47
N GLN A 78 10.95 2.82 17.37
CA GLN A 78 10.59 1.41 17.33
C GLN A 78 9.09 1.24 17.56
N VAL A 79 8.53 1.95 18.54
CA VAL A 79 7.10 1.86 18.82
C VAL A 79 6.29 2.31 17.62
N HIS A 80 6.72 3.39 16.96
CA HIS A 80 5.95 3.94 15.86
C HIS A 80 5.91 2.97 14.68
N LEU A 81 7.06 2.39 14.32
CA LEU A 81 7.09 1.47 13.18
C LEU A 81 6.23 0.25 13.44
N LEU A 82 6.32 -0.31 14.65
CA LEU A 82 5.50 -1.48 14.98
C LEU A 82 4.02 -1.12 15.04
N GLU A 83 3.69 0.08 15.53
CA GLU A 83 2.29 0.47 15.60
C GLU A 83 1.66 0.57 14.22
N CYS A 84 2.41 1.01 13.22
CA CYS A 84 1.85 1.16 11.88
C CYS A 84 1.87 -0.15 11.09
N ALA A 85 2.75 -1.10 11.42
CA ALA A 85 3.00 -2.26 10.57
C ALA A 85 2.54 -3.59 11.14
N TRP A 86 2.10 -3.63 12.41
CA TRP A 86 1.90 -4.92 13.08
C TRP A 86 0.88 -5.79 12.33
N LEU A 87 -0.20 -5.19 11.84
CA LEU A 87 -1.21 -5.99 11.14
C LEU A 87 -0.73 -6.44 9.77
N GLU A 88 0.06 -5.61 9.07
CA GLU A 88 0.66 -6.04 7.82
C GLU A 88 1.56 -7.25 8.03
N ILE A 89 2.35 -7.23 9.11
CA ILE A 89 3.30 -8.30 9.38
C ILE A 89 2.55 -9.58 9.76
N LEU A 90 1.47 -9.47 10.54
CA LEU A 90 0.64 -10.64 10.81
C LEU A 90 0.04 -11.20 9.52
N MET A 91 -0.40 -10.31 8.62
CA MET A 91 -1.09 -10.76 7.42
C MET A 91 -0.13 -11.42 6.43
N ILE A 92 1.06 -10.82 6.21
CA ILE A 92 2.01 -11.44 5.31
C ILE A 92 2.49 -12.79 5.87
N GLY A 93 2.62 -12.89 7.20
CA GLY A 93 2.94 -14.17 7.79
C GLY A 93 1.86 -15.19 7.56
N LEU A 94 0.60 -14.77 7.65
CA LEU A 94 -0.51 -15.68 7.43
C LEU A 94 -0.55 -16.18 5.99
N VAL A 95 -0.39 -15.28 5.02
CA VAL A 95 -0.45 -15.68 3.63
C VAL A 95 0.77 -16.50 3.23
N TRP A 96 1.89 -16.34 3.94
CA TRP A 96 3.08 -17.12 3.62
C TRP A 96 2.90 -18.58 3.99
N ARG A 97 2.43 -18.85 5.22
CA ARG A 97 2.23 -20.23 5.63
C ARG A 97 0.96 -20.85 5.06
N SER A 98 0.14 -20.08 4.35
CA SER A 98 -1.01 -20.60 3.63
C SER A 98 -0.72 -20.86 2.16
N MET A 99 0.52 -20.64 1.72
CA MET A 99 0.84 -20.78 0.30
C MET A 99 0.56 -22.19 -0.21
N GLU A 100 0.96 -23.21 0.54
CA GLU A 100 0.77 -24.60 0.14
C GLU A 100 -0.63 -25.12 0.44
N HIS A 101 -1.59 -24.25 0.71
CA HIS A 101 -2.97 -24.64 1.01
C HIS A 101 -3.91 -23.77 0.17
N PRO A 102 -4.10 -24.10 -1.10
CA PRO A 102 -4.94 -23.26 -1.97
C PRO A 102 -6.36 -23.12 -1.44
N GLY A 103 -6.89 -21.91 -1.51
CA GLY A 103 -8.22 -21.65 -1.05
C GLY A 103 -8.40 -21.77 0.45
N LYS A 104 -7.32 -21.80 1.21
CA LYS A 104 -7.39 -21.95 2.65
C LYS A 104 -6.39 -21.02 3.32
N LEU A 105 -6.77 -20.53 4.49
CA LEU A 105 -5.89 -19.71 5.33
C LEU A 105 -5.47 -20.55 6.53
N LEU A 106 -4.17 -20.77 6.67
CA LEU A 106 -3.61 -21.55 7.78
C LEU A 106 -3.26 -20.59 8.90
N PHE A 107 -4.25 -20.28 9.74
CA PHE A 107 -3.96 -19.46 10.92
C PHE A 107 -3.04 -20.21 11.88
N ALA A 108 -3.25 -21.51 12.02
CA ALA A 108 -2.43 -22.37 12.85
C ALA A 108 -2.47 -23.75 12.24
N PRO A 109 -1.52 -24.63 12.59
CA PRO A 109 -1.57 -26.01 12.07
C PRO A 109 -2.85 -26.74 12.41
N ASN A 110 -3.56 -26.33 13.46
CA ASN A 110 -4.84 -26.91 13.83
C ASN A 110 -6.02 -26.00 13.51
N LEU A 111 -5.80 -24.92 12.74
CA LEU A 111 -6.86 -23.97 12.41
C LEU A 111 -6.71 -23.59 10.94
N LEU A 112 -7.32 -24.39 10.07
CA LEU A 112 -7.31 -24.15 8.64
C LEU A 112 -8.72 -23.77 8.21
N LEU A 113 -8.86 -22.59 7.60
CA LEU A 113 -10.17 -22.03 7.29
C LEU A 113 -10.24 -21.58 5.84
N ASP A 114 -11.42 -21.73 5.25
CA ASP A 114 -11.72 -21.24 3.92
C ASP A 114 -12.75 -20.10 4.02
N ARG A 115 -13.10 -19.54 2.85
CA ARG A 115 -13.92 -18.33 2.86
C ARG A 115 -15.32 -18.57 3.38
N ASN A 116 -15.82 -19.80 3.33
CA ASN A 116 -17.15 -20.08 3.89
C ASN A 116 -17.15 -19.98 5.41
N GLN A 117 -16.05 -20.38 6.07
CA GLN A 117 -15.96 -20.19 7.51
C GLN A 117 -15.97 -18.71 7.87
N GLY A 118 -15.32 -17.88 7.06
CA GLY A 118 -15.29 -16.45 7.31
C GLY A 118 -16.66 -15.80 7.34
N LYS A 119 -17.67 -16.45 6.74
CA LYS A 119 -19.02 -15.93 6.79
C LYS A 119 -19.61 -15.97 8.20
N CYS A 120 -19.02 -16.75 9.10
CA CYS A 120 -19.48 -16.78 10.49
C CYS A 120 -19.31 -15.43 11.18
N VAL A 121 -18.39 -14.60 10.69
CA VAL A 121 -18.14 -13.28 11.23
C VAL A 121 -18.47 -12.26 10.14
N GLU A 122 -19.36 -11.32 10.47
CA GLU A 122 -19.81 -10.33 9.50
C GLU A 122 -18.64 -9.43 9.09
N GLY A 123 -18.50 -9.20 7.78
CA GLY A 123 -17.44 -8.36 7.26
C GLY A 123 -16.09 -9.02 7.15
N MET A 124 -15.98 -10.30 7.50
CA MET A 124 -14.69 -10.99 7.47
C MET A 124 -14.38 -11.59 6.10
N VAL A 125 -15.40 -11.99 5.34
CA VAL A 125 -15.15 -12.63 4.06
C VAL A 125 -14.42 -11.70 3.11
N GLU A 126 -14.72 -10.39 3.17
CA GLU A 126 -13.97 -9.42 2.38
C GLU A 126 -12.48 -9.50 2.70
N ILE A 127 -12.14 -9.62 3.99
CA ILE A 127 -10.74 -9.73 4.36
C ILE A 127 -10.17 -11.07 3.91
N PHE A 128 -10.95 -12.14 4.07
CA PHE A 128 -10.49 -13.49 3.71
C PHE A 128 -10.14 -13.56 2.23
N ASP A 129 -11.03 -13.07 1.36
CA ASP A 129 -10.80 -13.14 -0.08
C ASP A 129 -9.51 -12.42 -0.47
N MET A 130 -9.26 -11.25 0.14
CA MET A 130 -8.03 -10.53 -0.17
C MET A 130 -6.80 -11.29 0.32
N LEU A 131 -6.89 -11.89 1.51
CA LEU A 131 -5.77 -12.69 2.00
C LEU A 131 -5.52 -13.89 1.10
N LEU A 132 -6.59 -14.56 0.66
CA LEU A 132 -6.44 -15.70 -0.25
C LEU A 132 -5.85 -15.25 -1.58
N ALA A 133 -6.27 -14.10 -2.09
CA ALA A 133 -5.72 -13.60 -3.35
C ALA A 133 -4.23 -13.27 -3.23
N THR A 134 -3.80 -12.77 -2.07
CA THR A 134 -2.37 -12.54 -1.84
C THR A 134 -1.62 -13.86 -1.79
N SER A 135 -2.20 -14.86 -1.15
CA SER A 135 -1.54 -16.16 -1.06
C SER A 135 -1.43 -16.83 -2.43
N SER A 136 -2.49 -16.74 -3.24
CA SER A 136 -2.43 -17.27 -4.60
C SER A 136 -1.38 -16.55 -5.43
N ARG A 137 -1.26 -15.24 -5.23
CA ARG A 137 -0.23 -14.48 -5.95
C ARG A 137 1.17 -14.94 -5.56
N PHE A 138 1.41 -15.18 -4.27
CA PHE A 138 2.72 -15.68 -3.83
C PHE A 138 3.00 -17.06 -4.41
N ARG A 139 2.00 -17.94 -4.39
CA ARG A 139 2.17 -19.27 -4.97
C ARG A 139 2.36 -19.20 -6.48
N MET A 140 1.68 -18.26 -7.13
CA MET A 140 1.88 -18.05 -8.56
C MET A 140 3.31 -17.62 -8.85
N MET A 141 3.83 -16.67 -8.06
CA MET A 141 5.19 -16.19 -8.23
C MET A 141 6.25 -17.13 -7.66
N ASN A 142 5.83 -18.22 -7.01
CA ASN A 142 6.75 -19.15 -6.36
C ASN A 142 7.66 -18.41 -5.37
N LEU A 143 7.03 -17.68 -4.46
CA LEU A 143 7.78 -16.90 -3.47
C LEU A 143 8.63 -17.81 -2.60
N GLN A 144 9.90 -17.45 -2.42
CA GLN A 144 10.83 -18.21 -1.61
C GLN A 144 10.91 -17.66 -0.20
N GLY A 145 11.27 -18.53 0.74
CA GLY A 145 11.40 -18.11 2.13
C GLY A 145 12.40 -16.98 2.33
N GLU A 146 13.50 -16.99 1.57
CA GLU A 146 14.47 -15.91 1.69
C GLU A 146 13.87 -14.58 1.25
N GLU A 147 13.05 -14.60 0.20
CA GLU A 147 12.38 -13.39 -0.23
C GLU A 147 11.32 -12.95 0.76
N PHE A 148 10.59 -13.91 1.35
CA PHE A 148 9.53 -13.58 2.30
C PHE A 148 10.08 -12.82 3.50
N VAL A 149 11.18 -13.31 4.08
CA VAL A 149 11.72 -12.65 5.27
C VAL A 149 12.27 -11.27 4.92
N CYS A 150 12.74 -11.08 3.68
CA CYS A 150 13.14 -9.74 3.25
C CYS A 150 11.93 -8.81 3.14
N LEU A 151 10.83 -9.30 2.56
CA LEU A 151 9.65 -8.47 2.39
C LEU A 151 9.04 -8.09 3.74
N LYS A 152 9.06 -9.01 4.70
CA LYS A 152 8.52 -8.73 6.02
C LYS A 152 9.35 -7.67 6.74
N SER A 153 10.68 -7.70 6.57
CA SER A 153 11.52 -6.68 7.18
C SER A 153 11.33 -5.33 6.51
N ILE A 154 11.10 -5.32 5.20
CA ILE A 154 10.82 -4.07 4.48
C ILE A 154 9.55 -3.43 5.04
N ILE A 155 8.51 -4.22 5.27
CA ILE A 155 7.25 -3.70 5.80
C ILE A 155 7.48 -3.03 7.16
N LEU A 156 8.22 -3.69 8.04
CA LEU A 156 8.48 -3.14 9.37
C LEU A 156 9.12 -1.76 9.28
N LEU A 157 10.11 -1.61 8.41
CA LEU A 157 10.87 -0.37 8.33
C LEU A 157 10.24 0.68 7.43
N ASN A 158 9.36 0.28 6.50
CA ASN A 158 8.84 1.22 5.51
C ASN A 158 7.45 1.76 5.83
N SER A 159 6.61 0.98 6.52
CA SER A 159 5.20 1.36 6.63
C SER A 159 5.03 2.64 7.45
N GLY A 160 5.77 2.78 8.54
CA GLY A 160 5.69 3.95 9.37
C GLY A 160 6.75 5.01 9.13
N VAL A 161 7.61 4.83 8.12
CA VAL A 161 8.71 5.76 7.93
C VAL A 161 8.25 7.10 7.36
N TYR A 162 7.11 7.15 6.69
CA TYR A 162 6.60 8.39 6.12
C TYR A 162 5.72 9.17 7.09
N THR A 163 5.73 8.80 8.38
CA THR A 163 4.92 9.46 9.39
C THR A 163 5.75 9.85 10.62
N PHE A 164 7.07 9.89 10.48
CA PHE A 164 7.94 10.33 11.57
C PHE A 164 7.76 11.83 11.85
N GLU A 173 17.29 12.54 10.97
CA GLU A 173 18.46 11.82 10.47
C GLU A 173 18.29 10.32 10.67
N GLU A 174 17.32 9.94 11.50
CA GLU A 174 17.05 8.52 11.70
C GLU A 174 16.39 7.91 10.47
N LYS A 175 15.66 8.72 9.70
CA LYS A 175 15.06 8.22 8.46
C LYS A 175 16.12 7.87 7.43
N ASP A 176 17.24 8.59 7.41
CA ASP A 176 18.32 8.23 6.50
C ASP A 176 18.90 6.87 6.85
N HIS A 177 19.05 6.57 8.14
CA HIS A 177 19.53 5.26 8.56
C HIS A 177 18.56 4.15 8.16
N ILE A 178 17.25 4.40 8.29
CA ILE A 178 16.27 3.39 7.91
C ILE A 178 16.28 3.16 6.41
N HIS A 179 16.36 4.24 5.62
CA HIS A 179 16.44 4.08 4.17
C HIS A 179 17.73 3.39 3.75
N ARG A 180 18.81 3.56 4.53
CA ARG A 180 20.04 2.84 4.22
C ARG A 180 19.87 1.34 4.48
N VAL A 181 19.16 0.97 5.54
CA VAL A 181 18.88 -0.44 5.78
C VAL A 181 17.93 -0.99 4.72
N LEU A 182 16.92 -0.21 4.34
CA LEU A 182 16.00 -0.64 3.30
C LEU A 182 16.73 -0.89 1.99
N ASP A 183 17.72 -0.05 1.67
CA ASP A 183 18.51 -0.26 0.45
C ASP A 183 19.32 -1.55 0.53
N LYS A 184 19.86 -1.85 1.72
CA LYS A 184 20.61 -3.10 1.89
C LYS A 184 19.71 -4.31 1.67
N ILE A 185 18.46 -4.25 2.14
CA ILE A 185 17.52 -5.33 1.89
C ILE A 185 17.22 -5.46 0.41
N THR A 186 17.13 -4.32 -0.30
CA THR A 186 16.96 -4.37 -1.75
C THR A 186 18.15 -5.06 -2.41
N ASP A 187 19.37 -4.70 -2.01
CA ASP A 187 20.55 -5.41 -2.51
C ASP A 187 20.46 -6.89 -2.23
N THR A 188 19.86 -7.26 -1.10
CA THR A 188 19.72 -8.67 -0.74
C THR A 188 18.72 -9.38 -1.64
N LEU A 189 17.58 -8.74 -1.89
CA LEU A 189 16.59 -9.31 -2.80
C LEU A 189 17.17 -9.51 -4.20
N ILE A 190 17.89 -8.52 -4.71
CA ILE A 190 18.54 -8.65 -6.01
C ILE A 190 19.58 -9.77 -5.98
N HIS A 191 20.30 -9.89 -4.87
CA HIS A 191 21.33 -10.92 -4.76
C HIS A 191 20.71 -12.32 -4.80
N LEU A 192 19.59 -12.51 -4.10
CA LEU A 192 18.91 -13.80 -4.13
C LEU A 192 18.42 -14.12 -5.53
N MET A 193 17.92 -13.12 -6.26
CA MET A 193 17.38 -13.38 -7.59
C MET A 193 18.48 -13.67 -8.60
N ALA A 194 19.60 -12.95 -8.53
CA ALA A 194 20.73 -13.25 -9.39
C ALA A 194 21.29 -14.64 -9.08
N LYS A 195 21.31 -15.02 -7.81
CA LYS A 195 21.77 -16.34 -7.43
C LYS A 195 20.85 -17.43 -7.96
N ALA A 196 19.58 -17.12 -8.17
CA ALA A 196 18.61 -18.08 -8.70
C ALA A 196 18.66 -18.20 -10.22
N GLY A 197 19.61 -17.55 -10.87
CA GLY A 197 19.73 -17.66 -12.32
C GLY A 197 18.90 -16.68 -13.12
N LEU A 198 18.40 -15.62 -12.50
CA LEU A 198 17.58 -14.64 -13.19
C LEU A 198 18.45 -13.60 -13.88
N THR A 199 18.04 -13.22 -15.08
CA THR A 199 18.74 -12.15 -15.78
C THR A 199 18.50 -10.81 -15.08
N LEU A 200 19.29 -9.80 -15.45
CA LEU A 200 19.13 -8.49 -14.85
C LEU A 200 17.73 -7.94 -15.06
N GLN A 201 17.16 -8.14 -16.25
CA GLN A 201 15.80 -7.71 -16.51
C GLN A 201 14.81 -8.43 -15.62
N GLN A 202 14.99 -9.73 -15.44
CA GLN A 202 14.09 -10.50 -14.59
C GLN A 202 14.24 -10.12 -13.13
N GLN A 203 15.45 -9.76 -12.70
CA GLN A 203 15.67 -9.33 -11.32
C GLN A 203 14.89 -8.05 -11.03
N HIS A 204 14.98 -7.07 -11.92
CA HIS A 204 14.23 -5.82 -11.73
C HIS A 204 12.74 -6.07 -11.80
N GLN A 205 12.29 -6.93 -12.71
CA GLN A 205 10.86 -7.19 -12.83
C GLN A 205 10.32 -7.92 -11.61
N ARG A 206 11.05 -8.92 -11.11
CA ARG A 206 10.57 -9.64 -9.93
C ARG A 206 10.61 -8.76 -8.69
N LEU A 207 11.64 -7.92 -8.56
CA LEU A 207 11.69 -6.96 -7.47
C LEU A 207 10.45 -6.06 -7.47
N ALA A 208 10.07 -5.57 -8.64
CA ALA A 208 8.89 -4.72 -8.74
C ALA A 208 7.62 -5.48 -8.38
N GLN A 209 7.48 -6.71 -8.87
CA GLN A 209 6.29 -7.49 -8.58
C GLN A 209 6.13 -7.75 -7.09
N LEU A 210 7.23 -8.05 -6.40
CA LEU A 210 7.16 -8.33 -4.97
C LEU A 210 6.79 -7.08 -4.17
N LEU A 211 7.35 -5.93 -4.55
CA LEU A 211 7.11 -4.70 -3.79
C LEU A 211 5.72 -4.13 -4.05
N LEU A 212 5.15 -4.37 -5.24
CA LEU A 212 3.80 -3.92 -5.50
C LEU A 212 2.77 -4.69 -4.67
N ILE A 213 3.08 -5.93 -4.27
CA ILE A 213 2.18 -6.67 -3.40
C ILE A 213 2.07 -6.01 -2.04
N LEU A 214 3.13 -5.33 -1.59
CA LEU A 214 3.07 -4.62 -0.31
C LEU A 214 2.01 -3.53 -0.33
N SER A 215 1.72 -2.98 -1.52
CA SER A 215 0.62 -2.03 -1.64
C SER A 215 -0.72 -2.70 -1.34
N HIS A 216 -0.91 -3.92 -1.83
CA HIS A 216 -2.12 -4.67 -1.50
C HIS A 216 -2.14 -5.05 -0.03
N ILE A 217 -0.99 -5.38 0.55
CA ILE A 217 -0.94 -5.75 1.97
C ILE A 217 -1.30 -4.55 2.84
N ARG A 218 -0.84 -3.35 2.47
CA ARG A 218 -1.27 -2.15 3.18
C ARG A 218 -2.78 -1.97 3.07
N HIS A 219 -3.35 -2.24 1.90
CA HIS A 219 -4.78 -2.14 1.71
C HIS A 219 -5.52 -3.11 2.63
N MET A 220 -5.05 -4.35 2.72
CA MET A 220 -5.69 -5.33 3.59
C MET A 220 -5.57 -4.93 5.05
N SER A 221 -4.43 -4.36 5.43
CA SER A 221 -4.27 -3.90 6.81
C SER A 221 -5.25 -2.77 7.13
N ASN A 222 -5.44 -1.84 6.18
CA ASN A 222 -6.38 -0.75 6.41
C ASN A 222 -7.80 -1.29 6.62
N LYS A 223 -8.22 -2.23 5.78
CA LYS A 223 -9.54 -2.84 5.95
C LYS A 223 -9.59 -3.67 7.23
N GLY A 224 -8.50 -4.34 7.57
CA GLY A 224 -8.48 -5.15 8.78
C GLY A 224 -8.62 -4.31 10.04
N MET A 225 -8.00 -3.12 10.06
CA MET A 225 -8.17 -2.22 11.19
C MET A 225 -9.61 -1.81 11.36
N GLU A 226 -10.26 -1.39 10.27
CA GLU A 226 -11.67 -1.01 10.34
C GLU A 226 -12.54 -2.17 10.79
N HIS A 227 -12.23 -3.38 10.33
CA HIS A 227 -12.97 -4.55 10.78
C HIS A 227 -12.71 -4.82 12.26
N LEU A 228 -11.46 -4.67 12.70
CA LEU A 228 -11.15 -4.82 14.12
C LEU A 228 -11.86 -3.77 14.95
N TYR A 229 -11.89 -2.53 14.48
CA TYR A 229 -12.52 -1.46 15.23
C TYR A 229 -14.02 -1.68 15.37
N SER A 230 -14.66 -2.26 14.33
CA SER A 230 -16.09 -2.51 14.40
C SER A 230 -16.42 -3.59 15.43
N MET A 231 -15.62 -4.65 15.47
CA MET A 231 -15.85 -5.71 16.45
C MET A 231 -15.59 -5.23 17.87
N LYS A 232 -14.65 -4.28 18.03
CA LYS A 232 -14.40 -3.71 19.35
C LYS A 232 -15.60 -2.90 19.84
N CYS A 233 -16.17 -2.07 18.96
CA CYS A 233 -17.33 -1.27 19.34
C CYS A 233 -18.57 -2.12 19.55
N LYS A 234 -18.64 -3.31 18.94
CA LYS A 234 -19.75 -4.21 19.19
C LYS A 234 -19.60 -4.96 20.51
N ASN A 235 -18.41 -4.91 21.12
CA ASN A 235 -18.14 -5.55 22.42
C ASN A 235 -18.42 -7.06 22.36
N VAL A 236 -18.29 -7.65 21.18
CA VAL A 236 -18.57 -9.08 21.02
C VAL A 236 -17.34 -9.91 21.38
N VAL A 237 -16.20 -9.61 20.77
CA VAL A 237 -14.98 -10.37 20.98
C VAL A 237 -14.17 -9.74 22.10
N PRO A 238 -13.72 -10.51 23.09
CA PRO A 238 -12.82 -9.95 24.12
C PRO A 238 -11.43 -9.68 23.57
N LEU A 239 -11.05 -8.41 23.47
CA LEU A 239 -9.77 -8.02 22.91
C LEU A 239 -8.76 -7.78 24.02
N SER A 240 -7.52 -8.21 23.77
CA SER A 240 -6.47 -8.05 24.77
C SER A 240 -6.03 -6.60 24.87
N ASP A 241 -5.46 -6.27 26.03
CA ASP A 241 -5.01 -4.89 26.26
C ASP A 241 -3.95 -4.48 25.25
N LEU A 242 -3.04 -5.40 24.92
CA LEU A 242 -2.01 -5.09 23.91
C LEU A 242 -2.65 -4.83 22.56
N LEU A 243 -3.61 -5.66 22.17
CA LEU A 243 -4.25 -5.49 20.87
C LEU A 243 -5.05 -4.20 20.80
N LEU A 244 -5.67 -3.80 21.92
CA LEU A 244 -6.41 -2.55 21.96
C LEU A 244 -5.48 -1.35 21.75
N GLU A 245 -4.31 -1.36 22.39
CA GLU A 245 -3.36 -0.26 22.21
C GLU A 245 -2.87 -0.18 20.78
N MET A 246 -2.62 -1.33 20.14
CA MET A 246 -2.24 -1.31 18.73
C MET A 246 -3.37 -0.82 17.85
N LEU A 247 -4.62 -1.05 18.28
CA LEU A 247 -5.77 -0.60 17.52
C LEU A 247 -6.01 0.89 17.67
N ASP A 248 -5.84 1.42 18.89
CA ASP A 248 -6.01 2.85 19.11
C ASP A 248 -4.92 3.67 18.43
N ALA A 249 -3.75 3.07 18.16
CA ALA A 249 -2.65 3.79 17.54
C ALA A 249 -2.99 4.26 16.13
N HIS A 250 -3.94 3.62 15.46
CA HIS A 250 -4.36 4.01 14.11
C HIS A 250 -5.54 4.96 14.11
N ARG A 251 -5.72 5.72 15.19
CA ARG A 251 -6.82 6.66 15.29
C ARG A 251 -6.47 7.81 16.24
N SER B 8 -1.71 -7.35 -27.87
CA SER B 8 -1.67 -5.97 -27.43
C SER B 8 -0.71 -5.14 -28.27
N LEU B 9 -0.55 -3.87 -27.90
CA LEU B 9 0.38 -2.97 -28.57
C LEU B 9 1.44 -2.40 -27.64
N ALA B 10 1.18 -2.37 -26.33
CA ALA B 10 2.11 -1.77 -25.38
C ALA B 10 3.39 -2.59 -25.25
N LEU B 11 3.31 -3.89 -25.49
CA LEU B 11 4.47 -4.75 -25.26
C LEU B 11 5.53 -4.56 -26.34
N SER B 12 5.13 -4.13 -27.54
CA SER B 12 6.07 -3.94 -28.63
C SER B 12 6.74 -2.58 -28.62
N LEU B 13 6.25 -1.64 -27.82
CA LEU B 13 6.86 -0.32 -27.73
C LEU B 13 8.23 -0.40 -27.06
N THR B 14 9.09 0.55 -27.41
CA THR B 14 10.37 0.69 -26.74
C THR B 14 10.18 1.47 -25.44
N ALA B 15 11.26 1.58 -24.67
CA ALA B 15 11.19 2.33 -23.41
C ALA B 15 10.99 3.82 -23.68
N ASP B 16 11.66 4.36 -24.71
CA ASP B 16 11.47 5.76 -25.04
C ASP B 16 10.08 6.02 -25.61
N GLN B 17 9.56 5.10 -26.41
CA GLN B 17 8.19 5.25 -26.92
C GLN B 17 7.17 5.12 -25.80
N MET B 18 7.46 4.31 -24.78
CA MET B 18 6.60 4.23 -23.62
C MET B 18 6.58 5.56 -22.86
N VAL B 19 7.75 6.16 -22.67
CA VAL B 19 7.83 7.45 -21.98
C VAL B 19 7.06 8.51 -22.74
N SER B 20 7.26 8.57 -24.06
CA SER B 20 6.58 9.57 -24.88
C SER B 20 5.07 9.35 -24.86
N ALA B 21 4.63 8.09 -24.88
CA ALA B 21 3.20 7.82 -24.85
C ALA B 21 2.57 8.29 -23.54
N LEU B 22 3.28 8.12 -22.43
CA LEU B 22 2.76 8.53 -21.13
C LEU B 22 2.80 10.05 -20.97
N LEU B 23 3.88 10.70 -21.39
CA LEU B 23 3.96 12.15 -21.32
C LEU B 23 2.89 12.81 -22.18
N ASP B 24 2.71 12.33 -23.41
CA ASP B 24 1.70 12.91 -24.30
C ASP B 24 0.28 12.71 -23.78
N ALA B 25 0.06 11.70 -22.93
CA ALA B 25 -1.26 11.42 -22.38
C ALA B 25 -1.58 12.22 -21.13
N GLU B 26 -0.62 13.01 -20.62
CA GLU B 26 -0.81 13.70 -19.34
C GLU B 26 -2.04 14.59 -19.37
N PRO B 27 -2.86 14.56 -18.33
CA PRO B 27 -4.02 15.43 -18.27
C PRO B 27 -3.60 16.87 -18.00
N PRO B 28 -4.45 17.83 -18.32
CA PRO B 28 -4.11 19.24 -18.11
C PRO B 28 -4.27 19.65 -16.65
N ILE B 29 -3.69 20.79 -16.33
CA ILE B 29 -3.81 21.41 -15.01
C ILE B 29 -5.07 22.27 -15.00
N LEU B 30 -6.04 21.91 -14.17
CA LEU B 30 -7.28 22.65 -14.09
C LEU B 30 -7.19 23.73 -13.02
N TYR B 31 -8.02 24.76 -13.18
CA TYR B 31 -8.10 25.84 -12.20
C TYR B 31 -9.29 25.63 -11.28
N SER B 32 -9.13 26.10 -10.04
CA SER B 32 -10.24 26.09 -9.09
C SER B 32 -11.16 27.27 -9.36
N GLU B 33 -12.39 27.16 -8.86
CA GLU B 33 -13.33 28.27 -8.96
C GLU B 33 -12.79 29.48 -8.22
N TYR B 34 -12.68 30.60 -8.93
CA TYR B 34 -12.06 31.81 -8.39
C TYR B 34 -12.92 32.50 -7.33
N PRO B 39 -11.08 33.53 4.30
CA PRO B 39 -12.51 33.28 4.45
C PRO B 39 -12.97 31.94 3.88
N PHE B 40 -12.26 30.86 4.24
CA PHE B 40 -12.64 29.51 3.86
C PHE B 40 -13.46 28.88 5.00
N SER B 41 -14.69 28.48 4.68
CA SER B 41 -15.49 27.67 5.59
C SER B 41 -15.28 26.19 5.28
N GLU B 42 -15.78 25.34 6.18
CA GLU B 42 -15.71 23.90 5.93
C GLU B 42 -16.51 23.53 4.69
N ALA B 43 -17.67 24.15 4.50
CA ALA B 43 -18.49 23.84 3.34
C ALA B 43 -17.86 24.36 2.06
N SER B 44 -17.35 25.59 2.07
CA SER B 44 -16.77 26.17 0.87
C SER B 44 -15.45 25.48 0.51
N MET B 45 -14.65 25.15 1.52
CA MET B 45 -13.39 24.45 1.26
C MET B 45 -13.63 23.09 0.64
N MET B 46 -14.47 22.27 1.29
CA MET B 46 -14.81 20.97 0.73
C MET B 46 -15.48 21.11 -0.64
N GLY B 47 -16.27 22.17 -0.82
CA GLY B 47 -16.89 22.40 -2.11
C GLY B 47 -15.87 22.62 -3.21
N LEU B 48 -14.86 23.46 -2.96
CA LEU B 48 -13.83 23.69 -3.96
C LEU B 48 -13.04 22.42 -4.26
N LEU B 49 -12.68 21.67 -3.22
CA LEU B 49 -11.83 20.50 -3.41
C LEU B 49 -12.58 19.38 -4.14
N THR B 50 -13.86 19.19 -3.80
CA THR B 50 -14.63 18.14 -4.47
C THR B 50 -15.05 18.56 -5.87
N ASN B 51 -15.37 19.84 -6.08
CA ASN B 51 -15.62 20.34 -7.43
C ASN B 51 -14.38 20.12 -8.30
N LEU B 52 -13.20 20.43 -7.77
CA LEU B 52 -11.97 20.25 -8.54
C LEU B 52 -11.71 18.77 -8.81
N ALA B 53 -11.86 17.92 -7.79
CA ALA B 53 -11.61 16.49 -7.98
C ALA B 53 -12.56 15.88 -9.01
N ASP B 54 -13.80 16.35 -9.05
CA ASP B 54 -14.75 15.79 -10.03
C ASP B 54 -14.34 16.15 -11.45
N ARG B 55 -13.90 17.38 -11.68
CA ARG B 55 -13.48 17.78 -13.03
C ARG B 55 -12.20 17.08 -13.45
N GLU B 56 -11.31 16.78 -12.50
CA GLU B 56 -10.10 16.03 -12.82
C GLU B 56 -10.39 14.56 -13.10
N LEU B 57 -11.48 14.02 -12.54
CA LEU B 57 -11.85 12.64 -12.82
C LEU B 57 -12.21 12.45 -14.28
N VAL B 58 -12.85 13.45 -14.90
CA VAL B 58 -13.20 13.35 -16.30
C VAL B 58 -11.94 13.26 -17.16
N HIS B 59 -10.94 14.10 -16.87
CA HIS B 59 -9.69 14.03 -17.63
C HIS B 59 -8.91 12.77 -17.30
N MET B 60 -9.03 12.26 -16.07
CA MET B 60 -8.33 11.02 -15.72
C MET B 60 -8.82 9.84 -16.56
N ILE B 61 -10.13 9.75 -16.75
CA ILE B 61 -10.69 8.62 -17.51
C ILE B 61 -10.14 8.59 -18.93
N ASN B 62 -10.06 9.76 -19.58
CA ASN B 62 -9.51 9.83 -20.94
CA ASN B 62 -9.52 9.78 -20.93
C ASN B 62 -7.99 9.69 -20.94
N TRP B 63 -7.34 10.00 -19.82
CA TRP B 63 -5.92 9.73 -19.69
C TRP B 63 -5.69 8.24 -19.57
N ALA B 64 -6.56 7.55 -18.84
CA ALA B 64 -6.44 6.11 -18.68
C ALA B 64 -6.55 5.39 -20.01
N LYS B 65 -7.43 5.87 -20.90
CA LYS B 65 -7.55 5.26 -22.22
C LYS B 65 -6.24 5.31 -22.99
N ARG B 66 -5.43 6.34 -22.75
CA ARG B 66 -4.19 6.53 -23.49
C ARG B 66 -2.99 5.91 -22.79
N VAL B 67 -3.18 5.29 -21.63
CA VAL B 67 -2.12 4.51 -20.98
C VAL B 67 -1.98 3.22 -21.76
N PRO B 68 -0.81 2.93 -22.31
CA PRO B 68 -0.66 1.76 -23.20
C PRO B 68 -1.06 0.47 -22.49
N GLY B 69 -1.90 -0.31 -23.16
CA GLY B 69 -2.41 -1.55 -22.61
C GLY B 69 -3.77 -1.45 -21.95
N PHE B 70 -4.24 -0.23 -21.65
CA PHE B 70 -5.51 -0.08 -20.95
C PHE B 70 -6.70 -0.32 -21.86
N VAL B 71 -6.58 0.01 -23.16
CA VAL B 71 -7.68 -0.25 -24.09
C VAL B 71 -7.82 -1.73 -24.40
N ASP B 72 -6.77 -2.52 -24.21
CA ASP B 72 -6.86 -3.96 -24.47
C ASP B 72 -7.68 -4.69 -23.41
N LEU B 73 -8.07 -4.01 -22.35
CA LEU B 73 -8.88 -4.61 -21.29
C LEU B 73 -10.36 -4.50 -21.63
N THR B 74 -11.15 -5.40 -21.05
CA THR B 74 -12.59 -5.28 -21.16
C THR B 74 -13.06 -4.03 -20.43
N LEU B 75 -14.28 -3.59 -20.76
CA LEU B 75 -14.83 -2.40 -20.13
C LEU B 75 -14.91 -2.56 -18.62
N HIS B 76 -15.30 -3.74 -18.15
CA HIS B 76 -15.47 -3.95 -16.72
C HIS B 76 -14.14 -4.00 -15.99
N ASP B 77 -13.11 -4.54 -16.63
CA ASP B 77 -11.78 -4.51 -16.03
C ASP B 77 -11.25 -3.08 -15.96
N GLN B 78 -11.54 -2.27 -16.99
CA GLN B 78 -11.18 -0.85 -16.93
C GLN B 78 -11.92 -0.15 -15.80
N VAL B 79 -13.22 -0.47 -15.63
CA VAL B 79 -13.99 0.13 -14.54
C VAL B 79 -13.42 -0.29 -13.20
N HIS B 80 -13.11 -1.58 -13.04
CA HIS B 80 -12.58 -2.08 -11.77
C HIS B 80 -11.29 -1.34 -11.39
N LEU B 81 -10.35 -1.23 -12.34
CA LEU B 81 -9.07 -0.60 -12.02
C LEU B 81 -9.24 0.86 -11.63
N LEU B 82 -10.06 1.60 -12.39
CA LEU B 82 -10.28 3.01 -12.10
C LEU B 82 -11.04 3.19 -10.79
N GLU B 83 -12.00 2.31 -10.51
CA GLU B 83 -12.73 2.40 -9.25
C GLU B 83 -11.82 2.21 -8.06
N CYS B 84 -10.80 1.36 -8.18
CA CYS B 84 -9.91 1.10 -7.06
C CYS B 84 -8.83 2.17 -6.90
N ALA B 85 -8.37 2.77 -8.00
CA ALA B 85 -7.17 3.60 -7.98
C ALA B 85 -7.41 5.09 -8.16
N TRP B 86 -8.66 5.52 -8.39
CA TRP B 86 -8.91 6.91 -8.78
C TRP B 86 -8.40 7.90 -7.73
N LEU B 87 -8.58 7.60 -6.45
CA LEU B 87 -8.14 8.53 -5.42
C LEU B 87 -6.62 8.52 -5.28
N GLU B 88 -5.98 7.36 -5.44
CA GLU B 88 -4.52 7.32 -5.46
C GLU B 88 -3.98 8.14 -6.62
N ILE B 89 -4.64 8.05 -7.78
CA ILE B 89 -4.18 8.77 -8.97
C ILE B 89 -4.33 10.27 -8.78
N LEU B 90 -5.45 10.71 -8.20
CA LEU B 90 -5.60 12.12 -7.86
C LEU B 90 -4.53 12.56 -6.88
N MET B 91 -4.22 11.71 -5.90
CA MET B 91 -3.29 12.10 -4.84
C MET B 91 -1.86 12.21 -5.36
N ILE B 92 -1.40 11.20 -6.11
CA ILE B 92 -0.03 11.28 -6.61
C ILE B 92 0.12 12.45 -7.59
N GLY B 93 -0.95 12.78 -8.32
CA GLY B 93 -0.89 13.95 -9.17
C GLY B 93 -0.79 15.23 -8.36
N LEU B 94 -1.54 15.31 -7.26
CA LEU B 94 -1.49 16.49 -6.40
C LEU B 94 -0.11 16.67 -5.79
N VAL B 95 0.49 15.59 -5.29
CA VAL B 95 1.80 15.71 -4.64
C VAL B 95 2.88 16.01 -5.67
N TRP B 96 2.71 15.56 -6.92
CA TRP B 96 3.68 15.84 -7.96
C TRP B 96 3.75 17.32 -8.27
N ARG B 97 2.60 17.96 -8.51
CA ARG B 97 2.62 19.39 -8.80
C ARG B 97 2.80 20.24 -7.56
N SER B 98 2.83 19.65 -6.36
CA SER B 98 3.14 20.36 -5.13
C SER B 98 4.61 20.25 -4.75
N MET B 99 5.43 19.58 -5.56
CA MET B 99 6.82 19.36 -5.21
C MET B 99 7.59 20.67 -5.07
N GLU B 100 7.37 21.61 -5.98
CA GLU B 100 8.11 22.86 -5.96
C GLU B 100 7.56 23.86 -4.94
N HIS B 101 6.61 23.45 -4.10
CA HIS B 101 6.01 24.31 -3.09
C HIS B 101 6.12 23.59 -1.74
N PRO B 102 7.28 23.66 -1.09
CA PRO B 102 7.45 22.95 0.18
C PRO B 102 6.45 23.44 1.23
N GLY B 103 5.94 22.49 2.01
CA GLY B 103 4.94 22.81 3.01
C GLY B 103 3.61 23.26 2.46
N LYS B 104 3.37 23.08 1.17
CA LYS B 104 2.15 23.55 0.53
C LYS B 104 1.66 22.51 -0.47
N LEU B 105 0.34 22.51 -0.69
CA LEU B 105 -0.29 21.62 -1.65
C LEU B 105 -0.90 22.47 -2.75
N LEU B 106 -0.47 22.24 -3.99
CA LEU B 106 -0.95 22.98 -5.15
C LEU B 106 -2.13 22.21 -5.76
N PHE B 107 -3.32 22.45 -5.20
CA PHE B 107 -4.53 21.85 -5.79
C PHE B 107 -4.77 22.42 -7.19
N ALA B 108 -4.56 23.72 -7.35
CA ALA B 108 -4.66 24.40 -8.63
C ALA B 108 -3.69 25.57 -8.60
N PRO B 109 -3.33 26.12 -9.76
CA PRO B 109 -2.45 27.31 -9.76
C PRO B 109 -2.99 28.45 -8.91
N ASN B 110 -4.31 28.60 -8.79
CA ASN B 110 -4.93 29.63 -7.96
C ASN B 110 -5.44 29.06 -6.64
N LEU B 111 -4.93 27.92 -6.19
CA LEU B 111 -5.39 27.29 -4.94
C LEU B 111 -4.21 26.54 -4.33
N LEU B 112 -3.33 27.28 -3.66
CA LEU B 112 -2.17 26.73 -2.97
C LEU B 112 -2.43 26.81 -1.47
N LEU B 113 -2.48 25.65 -0.81
CA LEU B 113 -2.91 25.58 0.59
C LEU B 113 -1.84 24.96 1.46
N ASP B 114 -1.86 25.30 2.74
CA ASP B 114 -0.98 24.72 3.76
C ASP B 114 -1.81 23.96 4.78
N ARG B 115 -1.13 23.29 5.71
CA ARG B 115 -1.82 22.42 6.65
C ARG B 115 -2.68 23.21 7.64
N ASN B 116 -2.32 24.46 7.90
CA ASN B 116 -3.14 25.29 8.78
C ASN B 116 -4.51 25.53 8.16
N GLN B 117 -4.55 25.73 6.83
CA GLN B 117 -5.83 25.89 6.15
C GLN B 117 -6.62 24.58 6.13
N GLY B 118 -5.93 23.44 6.19
CA GLY B 118 -6.60 22.16 6.23
C GLY B 118 -7.31 21.91 7.54
N LYS B 119 -7.20 22.85 8.48
CA LYS B 119 -7.84 22.72 9.78
C LYS B 119 -9.29 23.16 9.78
N CYS B 120 -9.71 23.99 8.84
CA CYS B 120 -11.10 24.42 8.79
C CYS B 120 -12.04 23.31 8.34
N VAL B 121 -11.51 22.14 7.99
CA VAL B 121 -12.31 20.95 7.71
C VAL B 121 -11.83 19.85 8.64
N GLU B 122 -12.73 19.38 9.50
CA GLU B 122 -12.35 18.43 10.54
C GLU B 122 -11.87 17.10 9.92
N GLY B 123 -10.70 16.64 10.38
CA GLY B 123 -10.14 15.40 9.90
C GLY B 123 -9.24 15.53 8.68
N MET B 124 -9.23 16.68 8.02
CA MET B 124 -8.44 16.85 6.80
C MET B 124 -6.94 17.03 7.09
N VAL B 125 -6.59 17.53 8.28
CA VAL B 125 -5.19 17.82 8.59
C VAL B 125 -4.33 16.57 8.46
N GLU B 126 -4.82 15.44 8.96
CA GLU B 126 -4.04 14.21 8.88
C GLU B 126 -3.76 13.82 7.43
N ILE B 127 -4.75 13.97 6.55
CA ILE B 127 -4.55 13.67 5.14
C ILE B 127 -3.59 14.68 4.53
N PHE B 128 -3.75 15.96 4.86
CA PHE B 128 -2.84 16.99 4.38
C PHE B 128 -1.40 16.69 4.78
N ASP B 129 -1.19 16.35 6.06
CA ASP B 129 0.15 16.03 6.53
C ASP B 129 0.75 14.85 5.77
N MET B 130 -0.06 13.83 5.48
CA MET B 130 0.44 12.69 4.72
C MET B 130 0.76 13.09 3.29
N LEU B 131 -0.11 13.89 2.67
CA LEU B 131 0.18 14.35 1.31
C LEU B 131 1.44 15.19 1.29
N LEU B 132 1.59 16.12 2.22
CA LEU B 132 2.80 16.92 2.31
C LEU B 132 4.04 16.06 2.56
N ALA B 133 3.89 15.00 3.35
CA ALA B 133 5.01 14.10 3.58
C ALA B 133 5.42 13.39 2.29
N THR B 134 4.44 13.03 1.46
CA THR B 134 4.76 12.39 0.18
C THR B 134 5.47 13.36 -0.75
N SER B 135 5.00 14.60 -0.80
CA SER B 135 5.59 15.59 -1.70
C SER B 135 7.06 15.85 -1.35
N SER B 136 7.35 15.98 -0.05
CA SER B 136 8.74 16.21 0.34
C SER B 136 9.60 14.98 0.10
N ARG B 137 9.02 13.78 0.22
CA ARG B 137 9.75 12.57 -0.13
C ARG B 137 10.10 12.56 -1.62
N PHE B 138 9.13 12.91 -2.47
CA PHE B 138 9.42 13.06 -3.90
C PHE B 138 10.46 14.14 -4.13
N ARG B 139 10.37 15.25 -3.40
CA ARG B 139 11.34 16.33 -3.56
C ARG B 139 12.73 15.89 -3.12
N MET B 140 12.81 15.12 -2.02
CA MET B 140 14.11 14.65 -1.55
C MET B 140 14.73 13.66 -2.54
N MET B 141 13.91 12.80 -3.14
CA MET B 141 14.41 11.86 -4.13
C MET B 141 14.64 12.50 -5.49
N ASN B 142 14.22 13.75 -5.68
CA ASN B 142 14.33 14.43 -6.99
C ASN B 142 13.61 13.63 -8.07
N LEU B 143 12.37 13.26 -7.77
CA LEU B 143 11.53 12.55 -8.74
C LEU B 143 11.40 13.36 -10.03
N GLN B 144 11.60 12.69 -11.15
CA GLN B 144 11.50 13.32 -12.46
C GLN B 144 10.15 13.02 -13.09
N GLY B 145 9.74 13.88 -14.03
CA GLY B 145 8.44 13.75 -14.65
C GLY B 145 8.28 12.42 -15.37
N GLU B 146 9.34 11.94 -16.02
CA GLU B 146 9.28 10.65 -16.71
C GLU B 146 9.09 9.50 -15.72
N GLU B 147 9.65 9.62 -14.52
CA GLU B 147 9.41 8.62 -13.49
C GLU B 147 8.01 8.75 -12.91
N PHE B 148 7.50 9.99 -12.79
CA PHE B 148 6.18 10.21 -12.23
C PHE B 148 5.09 9.56 -13.09
N VAL B 149 5.17 9.74 -14.42
CA VAL B 149 4.12 9.17 -15.26
C VAL B 149 4.17 7.65 -15.25
N CYS B 150 5.35 7.07 -15.01
CA CYS B 150 5.43 5.62 -14.89
C CYS B 150 4.74 5.14 -13.61
N LEU B 151 4.98 5.84 -12.49
CA LEU B 151 4.38 5.43 -11.22
C LEU B 151 2.86 5.54 -11.26
N LYS B 152 2.35 6.64 -11.82
CA LYS B 152 0.90 6.83 -11.89
C LYS B 152 0.24 5.76 -12.74
N SER B 153 0.89 5.35 -13.84
CA SER B 153 0.38 4.25 -14.64
C SER B 153 0.43 2.94 -13.86
N ILE B 154 1.48 2.73 -13.07
CA ILE B 154 1.57 1.51 -12.27
C ILE B 154 0.42 1.44 -11.28
N ILE B 155 0.11 2.57 -10.63
CA ILE B 155 -1.02 2.60 -9.70
C ILE B 155 -2.31 2.19 -10.41
N LEU B 156 -2.51 2.69 -11.63
CA LEU B 156 -3.74 2.40 -12.37
C LEU B 156 -3.91 0.90 -12.61
N LEU B 157 -2.83 0.21 -12.95
CA LEU B 157 -2.90 -1.20 -13.30
C LEU B 157 -2.75 -2.13 -12.11
N ASN B 158 -2.08 -1.69 -11.04
CA ASN B 158 -1.75 -2.56 -9.92
C ASN B 158 -2.77 -2.54 -8.80
N SER B 159 -3.37 -1.38 -8.52
CA SER B 159 -4.13 -1.22 -7.28
C SER B 159 -5.30 -2.21 -7.20
N GLY B 160 -5.98 -2.46 -8.32
CA GLY B 160 -7.09 -3.37 -8.34
C GLY B 160 -6.82 -4.75 -8.91
N VAL B 161 -5.56 -5.06 -9.26
CA VAL B 161 -5.29 -6.31 -9.95
C VAL B 161 -5.43 -7.52 -9.04
N TYR B 162 -5.30 -7.35 -7.73
CA TYR B 162 -5.44 -8.47 -6.80
C TYR B 162 -6.89 -8.69 -6.38
N THR B 163 -7.82 -7.94 -6.94
CA THR B 163 -9.24 -8.09 -6.61
C THR B 163 -10.06 -8.28 -7.88
N GLU B 174 -6.43 -12.31 -18.61
CA GLU B 174 -6.45 -10.84 -18.64
C GLU B 174 -5.51 -10.26 -17.60
N LYS B 175 -5.43 -10.92 -16.44
CA LYS B 175 -4.50 -10.48 -15.41
C LYS B 175 -3.05 -10.67 -15.84
N ASP B 176 -2.78 -11.70 -16.65
CA ASP B 176 -1.43 -11.90 -17.17
C ASP B 176 -1.02 -10.75 -18.07
N HIS B 177 -1.95 -10.22 -18.85
CA HIS B 177 -1.64 -9.07 -19.69
C HIS B 177 -1.33 -7.83 -18.85
N ILE B 178 -2.11 -7.59 -17.80
CA ILE B 178 -1.86 -6.46 -16.91
C ILE B 178 -0.49 -6.58 -16.27
N HIS B 179 -0.13 -7.79 -15.84
CA HIS B 179 1.19 -8.00 -15.26
C HIS B 179 2.29 -7.86 -16.29
N ARG B 180 2.02 -8.23 -17.54
CA ARG B 180 3.01 -8.02 -18.60
C ARG B 180 3.22 -6.54 -18.88
N VAL B 181 2.14 -5.74 -18.85
CA VAL B 181 2.30 -4.31 -19.04
C VAL B 181 3.05 -3.69 -17.86
N LEU B 182 2.75 -4.17 -16.64
CA LEU B 182 3.47 -3.70 -15.46
C LEU B 182 4.97 -3.96 -15.58
N ASP B 183 5.35 -5.16 -16.02
CA ASP B 183 6.76 -5.46 -16.25
C ASP B 183 7.36 -4.51 -17.29
N LYS B 184 6.57 -4.16 -18.30
CA LYS B 184 7.03 -3.21 -19.30
C LYS B 184 7.31 -1.85 -18.68
N ILE B 185 6.45 -1.40 -17.75
CA ILE B 185 6.70 -0.12 -17.09
C ILE B 185 7.90 -0.20 -16.17
N THR B 186 8.13 -1.36 -15.54
CA THR B 186 9.35 -1.54 -14.75
C THR B 186 10.59 -1.42 -15.63
N ASP B 187 10.58 -2.06 -16.80
CA ASP B 187 11.68 -1.91 -17.74
C ASP B 187 11.88 -0.44 -18.10
N THR B 188 10.79 0.28 -18.32
CA THR B 188 10.89 1.69 -18.67
C THR B 188 11.49 2.51 -17.52
N LEU B 189 11.08 2.23 -16.29
CA LEU B 189 11.64 2.93 -15.13
C LEU B 189 13.14 2.70 -15.04
N ILE B 190 13.58 1.45 -15.15
CA ILE B 190 15.01 1.13 -15.12
C ILE B 190 15.73 1.83 -16.27
N HIS B 191 15.09 1.87 -17.44
CA HIS B 191 15.70 2.52 -18.59
C HIS B 191 15.98 4.00 -18.32
N LEU B 192 15.04 4.68 -17.65
CA LEU B 192 15.24 6.09 -17.32
C LEU B 192 16.38 6.27 -16.33
N MET B 193 16.48 5.39 -15.32
CA MET B 193 17.52 5.54 -14.32
C MET B 193 18.89 5.23 -14.89
N ALA B 194 18.98 4.23 -15.78
CA ALA B 194 20.25 3.95 -16.45
C ALA B 194 20.63 5.07 -17.40
N LYS B 195 19.64 5.69 -18.05
CA LYS B 195 19.89 6.83 -18.92
C LYS B 195 20.37 8.04 -18.13
N ALA B 196 19.95 8.16 -16.87
CA ALA B 196 20.35 9.26 -16.00
C ALA B 196 21.73 9.07 -15.39
N GLY B 197 22.39 7.94 -15.63
CA GLY B 197 23.73 7.72 -15.15
C GLY B 197 23.88 6.92 -13.88
N LEU B 198 22.82 6.28 -13.41
CA LEU B 198 22.89 5.50 -12.18
C LEU B 198 23.50 4.12 -12.45
N THR B 199 24.24 3.62 -11.46
CA THR B 199 24.78 2.27 -11.53
C THR B 199 23.66 1.25 -11.35
N LEU B 200 24.00 -0.02 -11.62
CA LEU B 200 23.03 -1.10 -11.45
C LEU B 200 22.48 -1.13 -10.03
N GLN B 201 23.33 -0.90 -9.03
CA GLN B 201 22.86 -0.91 -7.65
C GLN B 201 21.92 0.26 -7.39
N GLN B 202 22.29 1.45 -7.84
CA GLN B 202 21.44 2.62 -7.66
C GLN B 202 20.13 2.47 -8.42
N GLN B 203 20.14 1.73 -9.53
CA GLN B 203 18.92 1.54 -10.31
C GLN B 203 17.89 0.73 -9.53
N HIS B 204 18.27 -0.43 -9.00
CA HIS B 204 17.29 -1.22 -8.27
C HIS B 204 17.00 -0.65 -6.90
N GLN B 205 17.93 0.10 -6.30
CA GLN B 205 17.62 0.80 -5.06
C GLN B 205 16.58 1.89 -5.29
N ARG B 206 16.75 2.69 -6.33
CA ARG B 206 15.78 3.74 -6.62
C ARG B 206 14.43 3.16 -7.04
N LEU B 207 14.46 2.09 -7.83
CA LEU B 207 13.22 1.40 -8.17
C LEU B 207 12.46 0.99 -6.91
N ALA B 208 13.17 0.38 -5.96
CA ALA B 208 12.53 -0.02 -4.71
C ALA B 208 12.02 1.17 -3.93
N GLN B 209 12.80 2.26 -3.87
CA GLN B 209 12.38 3.44 -3.13
C GLN B 209 11.09 4.03 -3.71
N LEU B 210 10.98 4.09 -5.04
CA LEU B 210 9.79 4.65 -5.66
C LEU B 210 8.57 3.76 -5.44
N LEU B 211 8.74 2.45 -5.54
CA LEU B 211 7.59 1.56 -5.44
C LEU B 211 7.09 1.44 -4.01
N LEU B 212 7.97 1.59 -3.02
CA LEU B 212 7.54 1.56 -1.62
C LEU B 212 6.67 2.77 -1.26
N ILE B 213 6.81 3.88 -1.98
CA ILE B 213 5.96 5.04 -1.72
C ILE B 213 4.52 4.76 -2.12
N LEU B 214 4.31 3.86 -3.10
CA LEU B 214 2.96 3.48 -3.48
C LEU B 214 2.21 2.81 -2.34
N SER B 215 2.92 2.20 -1.40
CA SER B 215 2.25 1.66 -0.22
C SER B 215 1.68 2.78 0.65
N HIS B 216 2.44 3.86 0.82
CA HIS B 216 1.96 5.03 1.55
C HIS B 216 0.81 5.71 0.79
N ILE B 217 0.95 5.84 -0.53
CA ILE B 217 -0.12 6.41 -1.34
C ILE B 217 -1.40 5.60 -1.21
N ARG B 218 -1.28 4.26 -1.20
CA ARG B 218 -2.44 3.43 -0.93
C ARG B 218 -3.01 3.72 0.45
N HIS B 219 -2.14 3.94 1.44
CA HIS B 219 -2.59 4.28 2.78
C HIS B 219 -3.36 5.58 2.79
N MET B 220 -2.82 6.62 2.14
CA MET B 220 -3.50 7.91 2.07
C MET B 220 -4.87 7.79 1.40
N SER B 221 -4.96 6.98 0.35
CA SER B 221 -6.24 6.83 -0.35
C SER B 221 -7.29 6.21 0.55
N ASN B 222 -6.92 5.16 1.28
CA ASN B 222 -7.86 4.55 2.21
C ASN B 222 -8.31 5.54 3.28
N LYS B 223 -7.40 6.37 3.78
CA LYS B 223 -7.79 7.43 4.70
C LYS B 223 -8.69 8.45 4.01
N GLY B 224 -8.43 8.73 2.74
CA GLY B 224 -9.25 9.70 2.01
C GLY B 224 -10.64 9.20 1.70
N MET B 225 -10.80 7.89 1.46
CA MET B 225 -12.12 7.32 1.24
C MET B 225 -13.00 7.48 2.46
N GLU B 226 -12.47 7.13 3.63
CA GLU B 226 -13.24 7.27 4.87
C GLU B 226 -13.62 8.72 5.10
N HIS B 227 -12.70 9.64 4.86
CA HIS B 227 -12.99 11.06 5.06
C HIS B 227 -14.09 11.53 4.12
N LEU B 228 -14.06 11.07 2.86
CA LEU B 228 -15.08 11.46 1.91
C LEU B 228 -16.41 10.77 2.21
N TYR B 229 -16.36 9.55 2.73
CA TYR B 229 -17.60 8.86 3.11
C TYR B 229 -18.28 9.57 4.28
N SER B 230 -17.50 10.03 5.26
CA SER B 230 -18.09 10.72 6.40
C SER B 230 -18.68 12.06 5.98
N MET B 231 -18.00 12.77 5.06
CA MET B 231 -18.53 14.03 4.54
C MET B 231 -19.76 13.83 3.69
N LYS B 232 -19.90 12.66 3.05
CA LYS B 232 -21.15 12.32 2.39
C LYS B 232 -22.30 12.22 3.38
N CYS B 233 -22.09 11.52 4.50
CA CYS B 233 -23.15 11.38 5.50
C CYS B 233 -23.26 12.59 6.40
N LYS B 234 -22.25 13.44 6.41
CA LYS B 234 -22.41 14.79 6.92
C LYS B 234 -23.55 15.51 6.21
N ASN B 235 -23.66 15.30 4.89
CA ASN B 235 -24.37 16.19 3.95
C ASN B 235 -23.77 17.59 3.98
N VAL B 236 -22.50 17.67 4.38
CA VAL B 236 -21.77 18.94 4.38
C VAL B 236 -21.65 19.47 2.96
N VAL B 237 -21.09 18.66 2.06
CA VAL B 237 -20.67 19.07 0.73
C VAL B 237 -21.55 18.39 -0.33
N PRO B 238 -21.94 19.11 -1.40
CA PRO B 238 -22.60 18.44 -2.54
C PRO B 238 -21.59 17.69 -3.39
N LEU B 239 -21.65 16.37 -3.35
CA LEU B 239 -20.77 15.54 -4.15
C LEU B 239 -21.45 15.17 -5.46
N SER B 240 -20.70 15.29 -6.56
CA SER B 240 -21.26 14.97 -7.86
C SER B 240 -21.62 13.48 -7.91
N ASP B 241 -22.53 13.16 -8.83
CA ASP B 241 -22.97 11.78 -8.98
C ASP B 241 -21.81 10.87 -9.34
N LEU B 242 -20.93 11.32 -10.23
CA LEU B 242 -19.75 10.53 -10.59
C LEU B 242 -18.89 10.26 -9.37
N LEU B 243 -18.59 11.31 -8.60
CA LEU B 243 -17.80 11.14 -7.39
C LEU B 243 -18.48 10.23 -6.38
N LEU B 244 -19.82 10.29 -6.30
CA LEU B 244 -20.54 9.40 -5.40
C LEU B 244 -20.45 7.95 -5.86
N GLU B 245 -20.52 7.72 -7.18
CA GLU B 245 -20.44 6.37 -7.69
C GLU B 245 -19.05 5.78 -7.51
N MET B 246 -18.00 6.58 -7.76
CA MET B 246 -16.65 6.11 -7.50
C MET B 246 -16.44 5.83 -6.02
N LEU B 247 -17.08 6.61 -5.15
CA LEU B 247 -16.97 6.37 -3.71
C LEU B 247 -17.71 5.10 -3.31
N ASP B 248 -18.86 4.84 -3.94
N ASP B 248 -18.87 4.85 -3.94
CA ASP B 248 -19.65 3.66 -3.63
CA ASP B 248 -19.64 3.65 -3.61
C ASP B 248 -18.97 2.38 -4.08
C ASP B 248 -18.98 2.36 -4.10
N ALA B 249 -17.99 2.46 -4.98
CA ALA B 249 -17.28 1.26 -5.42
C ALA B 249 -16.52 0.60 -4.28
N HIS B 250 -16.10 1.40 -3.29
CA HIS B 250 -15.50 0.88 -2.07
C HIS B 250 -16.62 0.65 -1.07
N ARG B 251 -17.07 -0.59 -0.95
CA ARG B 251 -18.18 -0.94 -0.07
C ARG B 251 -17.77 -0.82 1.40
N HIS C 2 3.46 4.53 30.29
CA HIS C 2 3.98 4.00 29.04
C HIS C 2 3.09 2.88 28.51
N LYS C 3 3.18 2.63 27.20
CA LYS C 3 2.35 1.62 26.58
C LYS C 3 2.93 0.22 26.82
N ILE C 4 2.10 -0.79 26.57
CA ILE C 4 2.54 -2.17 26.70
C ILE C 4 3.63 -2.48 25.69
N LEU C 5 3.44 -2.04 24.44
CA LEU C 5 4.46 -2.21 23.42
C LEU C 5 5.78 -1.55 23.85
N HIS C 6 5.69 -0.43 24.56
CA HIS C 6 6.89 0.22 25.07
C HIS C 6 7.62 -0.66 26.06
N ARG C 7 6.88 -1.35 26.94
CA ARG C 7 7.51 -2.21 27.94
C ARG C 7 8.11 -3.45 27.30
N LEU C 8 7.34 -4.12 26.44
CA LEU C 8 7.83 -5.34 25.79
C LEU C 8 9.04 -5.08 24.91
N LEU C 9 9.22 -3.86 24.41
CA LEU C 9 10.39 -3.54 23.62
C LEU C 9 11.62 -3.29 24.49
N GLN C 10 11.43 -2.78 25.70
CA GLN C 10 12.52 -2.60 26.66
C GLN C 10 12.62 -3.86 27.50
N ASP C 11 13.52 -4.76 27.11
CA ASP C 11 13.67 -6.07 27.75
C ASP C 11 12.34 -6.83 27.74
N HIS D 2 -25.34 0.26 -15.22
CA HIS D 2 -25.73 1.66 -15.34
C HIS D 2 -24.87 2.55 -14.44
N LYS D 3 -23.70 2.95 -14.91
CA LYS D 3 -22.81 3.82 -14.16
C LYS D 3 -22.27 4.91 -15.07
N ILE D 4 -22.03 6.09 -14.48
CA ILE D 4 -21.46 7.20 -15.23
C ILE D 4 -20.10 6.83 -15.79
N LEU D 5 -19.32 6.06 -15.03
CA LEU D 5 -17.99 5.65 -15.46
C LEU D 5 -18.04 4.84 -16.76
N HIS D 6 -19.14 4.10 -16.98
CA HIS D 6 -19.23 3.30 -18.20
C HIS D 6 -19.24 4.16 -19.45
N ARG D 7 -20.10 5.17 -19.49
CA ARG D 7 -20.20 5.99 -20.70
C ARG D 7 -19.01 6.91 -20.88
N LEU D 8 -18.31 7.26 -19.80
CA LEU D 8 -17.12 8.09 -19.93
C LEU D 8 -15.96 7.31 -20.53
N LEU D 9 -15.91 6.00 -20.27
CA LEU D 9 -14.88 5.14 -20.85
C LEU D 9 -15.19 4.77 -22.29
N GLN D 10 -16.47 4.70 -22.67
CA GLN D 10 -16.82 4.29 -24.02
C GLN D 10 -16.72 5.43 -25.02
N ASP D 11 -16.92 6.67 -24.57
CA ASP D 11 -16.89 7.81 -25.48
C ASP D 11 -15.50 8.44 -25.54
#